data_5O2T
#
_entry.id   5O2T
#
_cell.length_a   112.830
_cell.length_b   112.830
_cell.length_c   66.770
_cell.angle_alpha   90.00
_cell.angle_beta   90.00
_cell.angle_gamma   120.00
#
_symmetry.space_group_name_H-M   'H 3'
#
loop_
_entity.id
_entity.type
_entity.pdbx_description
1 polymer 'GTPase KRas'
2 polymer 'darpin 55'
3 non-polymer 'MAGNESIUM ION'
4 non-polymer "5'-GUANOSINE-DIPHOSPHATE-MONOTHIOPHOSPHATE"
5 non-polymer 'SULFATE ION'
6 water water
#
loop_
_entity_poly.entity_id
_entity_poly.type
_entity_poly.pdbx_seq_one_letter_code
_entity_poly.pdbx_strand_id
1 'polypeptide(L)'
;GSHMTEYKLVVVGAVGVGKSALTIQLIQNHFVDEYDPTIEDSYRKQVVIDGETCLLDILDTAGQEEYSAMRDQYMRTGEG
FLCVFAINNTKSFEDIHHYREQIKRVKDSEDVPMVLVGNKCDLPSRTVDTKQAQDLARSYGIPFIETSAKTRQGVDDAFY
TLVREIRKH
;
A
2 'polypeptide(L)'
;MGHHHHHHHHHHSSGHIEGRHMDLGKKLLEAARAGQDDEVRILMANGADVNANDSAGHTPLHLAAKRGHLEIVEVLLKHG
ADVNAMDNTGFTPLHLAALRGHLEIVEVLLKNGADVNAQDRTGRTPLHLAAKLGHLEIVEVLLKNGADVNAQDKFGKTAF
DISIDNGNEDLAEILQKLYPYDVPDYA
;
B
#
loop_
_chem_comp.id
_chem_comp.type
_chem_comp.name
_chem_comp.formula
GSP non-polymer 5'-GUANOSINE-DIPHOSPHATE-MONOTHIOPHOSPHATE 'C10 H16 N5 O13 P3 S'
MG non-polymer 'MAGNESIUM ION' 'Mg 2'
SO4 non-polymer 'SULFATE ION' 'O4 S -2'
#
# COMPACT_ATOMS: atom_id res chain seq x y z
N MET A 4 7.01 21.53 8.86
CA MET A 4 7.75 20.44 9.58
C MET A 4 8.52 19.58 8.59
N THR A 5 9.35 18.69 9.12
CA THR A 5 10.09 17.77 8.28
C THR A 5 9.19 16.57 7.94
N GLU A 6 9.20 16.18 6.67
CA GLU A 6 8.46 15.05 6.15
C GLU A 6 9.44 13.90 5.97
N TYR A 7 9.09 12.73 6.51
CA TYR A 7 9.86 11.50 6.37
C TYR A 7 9.11 10.48 5.53
N LYS A 8 9.70 10.05 4.42
CA LYS A 8 9.17 9.05 3.51
C LYS A 8 9.61 7.64 3.94
N LEU A 9 8.71 6.95 4.65
CA LEU A 9 8.97 5.62 5.20
C LEU A 9 8.31 4.54 4.35
N VAL A 10 9.04 3.47 4.06
CA VAL A 10 8.50 2.35 3.26
C VAL A 10 8.58 1.05 4.07
N VAL A 11 7.45 0.36 4.16
CA VAL A 11 7.34 -0.90 4.90
C VAL A 11 7.37 -2.03 3.88
N VAL A 12 8.38 -2.89 4.01
CA VAL A 12 8.59 -4.00 3.10
C VAL A 12 8.77 -5.31 3.86
N GLY A 13 8.48 -6.42 3.16
CA GLY A 13 8.66 -7.75 3.71
C GLY A 13 7.76 -8.74 2.99
N ALA A 14 7.88 -10.02 3.38
CA ALA A 14 7.14 -11.08 2.72
C ALA A 14 5.66 -10.98 3.06
N VAL A 15 4.87 -11.60 2.19
CA VAL A 15 3.46 -11.89 2.46
C VAL A 15 3.21 -12.25 3.94
N GLY A 16 2.20 -11.61 4.56
CA GLY A 16 1.62 -12.08 5.80
C GLY A 16 2.47 -11.91 7.04
N VAL A 17 3.48 -11.03 7.00
CA VAL A 17 4.33 -10.83 8.19
C VAL A 17 3.77 -9.80 9.15
N GLY A 18 2.79 -9.00 8.73
CA GLY A 18 2.28 -7.95 9.58
C GLY A 18 2.62 -6.52 9.20
N LYS A 19 3.02 -6.29 7.93
CA LYS A 19 3.33 -4.95 7.43
C LYS A 19 2.10 -4.07 7.58
N SER A 20 0.97 -4.52 7.04
CA SER A 20 -0.27 -3.78 7.17
C SER A 20 -0.75 -3.63 8.61
N ALA A 21 -0.70 -4.72 9.38
CA ALA A 21 -1.13 -4.58 10.77
C ALA A 21 -0.21 -3.62 11.57
N LEU A 22 1.09 -3.59 11.32
CA LEU A 22 1.94 -2.62 12.00
C LEU A 22 1.55 -1.19 11.67
N THR A 23 1.34 -0.97 10.39
CA THR A 23 1.04 0.34 9.87
C THR A 23 -0.29 0.87 10.37
N ILE A 24 -1.33 0.05 10.37
CA ILE A 24 -2.66 0.47 10.84
C ILE A 24 -2.62 0.65 12.37
N GLN A 25 -1.77 -0.10 13.06
CA GLN A 25 -1.54 0.16 14.47
C GLN A 25 -0.92 1.56 14.72
N LEU A 26 0.12 1.90 13.99
CA LEU A 26 0.66 3.24 14.04
C LEU A 26 -0.36 4.34 13.75
N ILE A 27 -1.14 4.20 12.67
CA ILE A 27 -2.04 5.25 12.21
C ILE A 27 -3.30 5.30 13.08
N GLN A 28 -4.02 4.18 13.19
CA GLN A 28 -5.34 4.12 13.84
C GLN A 28 -5.34 3.50 15.27
N ASN A 29 -4.21 2.99 15.74
CA ASN A 29 -4.17 2.33 17.07
C ASN A 29 -5.19 1.20 17.18
N HIS A 30 -5.33 0.41 16.13
CA HIS A 30 -6.13 -0.78 16.23
C HIS A 30 -5.55 -1.90 15.39
N PHE A 31 -5.86 -3.12 15.83
CA PHE A 31 -5.24 -4.32 15.30
C PHE A 31 -6.27 -4.97 14.40
N VAL A 32 -5.87 -5.18 13.16
CA VAL A 32 -6.70 -5.86 12.17
C VAL A 32 -6.33 -7.34 12.15
N ASP A 33 -7.29 -8.19 12.51
CA ASP A 33 -7.11 -9.63 12.59
C ASP A 33 -7.23 -10.27 11.22
N GLU A 34 -7.83 -9.53 10.27
CA GLU A 34 -8.13 -9.96 8.90
C GLU A 34 -7.02 -9.70 7.89
N TYR A 35 -6.67 -10.72 7.14
CA TYR A 35 -5.80 -10.61 5.96
C TYR A 35 -6.59 -9.91 4.82
N ASP A 36 -6.13 -8.72 4.41
CA ASP A 36 -6.45 -8.18 3.10
C ASP A 36 -5.10 -7.97 2.41
N PRO A 37 -4.83 -8.73 1.32
CA PRO A 37 -3.58 -8.52 0.58
C PRO A 37 -3.40 -7.08 0.02
N THR A 38 -2.29 -6.47 0.39
CA THR A 38 -1.95 -5.13 -0.02
C THR A 38 -1.33 -5.14 -1.43
N ILE A 39 -1.81 -4.25 -2.29
CA ILE A 39 -1.03 -3.82 -3.46
C ILE A 39 -0.05 -2.70 -3.07
N GLU A 40 -0.57 -1.49 -2.82
CA GLU A 40 0.27 -0.33 -2.41
C GLU A 40 -0.62 0.77 -1.81
N ASP A 41 -0.45 1.03 -0.51
CA ASP A 41 -1.29 1.96 0.26
C ASP A 41 -0.41 2.98 0.95
N SER A 42 -0.87 4.22 0.98
CA SER A 42 -0.16 5.33 1.62
C SER A 42 -0.96 5.85 2.78
N TYR A 43 -0.25 6.20 3.83
CA TYR A 43 -0.82 6.69 5.05
C TYR A 43 0.02 7.87 5.47
N ARG A 44 -0.59 8.75 6.25
CA ARG A 44 -0.05 10.05 6.61
C ARG A 44 -0.28 10.29 8.12
N LYS A 45 0.76 10.56 8.89
CA LYS A 45 0.57 10.90 10.29
C LYS A 45 1.49 11.98 10.80
N GLN A 46 0.91 12.97 11.42
CA GLN A 46 1.71 14.01 12.04
C GLN A 46 1.99 13.56 13.45
N VAL A 47 3.27 13.42 13.81
CA VAL A 47 3.63 12.97 15.13
C VAL A 47 4.71 13.84 15.77
N VAL A 48 4.94 13.62 17.06
CA VAL A 48 6.06 14.17 17.81
C VAL A 48 7.11 13.07 18.09
N ILE A 49 8.35 13.31 17.64
CA ILE A 49 9.48 12.37 17.84
C ILE A 49 10.59 13.21 18.39
N ASP A 50 11.22 12.74 19.46
CA ASP A 50 12.33 13.50 20.13
C ASP A 50 12.00 14.98 20.30
N GLY A 51 10.76 15.27 20.68
CA GLY A 51 10.36 16.66 20.90
C GLY A 51 10.09 17.53 19.69
N GLU A 52 10.11 16.98 18.47
CA GLU A 52 9.93 17.73 17.22
C GLU A 52 8.71 17.22 16.47
N THR A 53 7.93 18.14 15.93
CA THR A 53 6.78 17.77 15.15
C THR A 53 7.24 17.33 13.80
N CYS A 54 6.78 16.18 13.34
CA CYS A 54 7.04 15.82 11.97
C CYS A 54 5.95 14.97 11.35
N LEU A 55 6.02 14.86 10.04
CA LEU A 55 5.06 14.16 9.26
C LEU A 55 5.64 12.84 8.70
N LEU A 56 4.94 11.74 8.94
CA LEU A 56 5.33 10.46 8.43
C LEU A 56 4.45 10.18 7.22
N ASP A 57 5.10 9.97 6.07
CA ASP A 57 4.46 9.64 4.81
C ASP A 57 4.83 8.18 4.65
N ILE A 58 3.89 7.29 4.94
CA ILE A 58 4.17 5.84 5.02
C ILE A 58 3.59 5.08 3.81
N LEU A 59 4.42 4.36 3.07
CA LEU A 59 3.97 3.44 2.00
C LEU A 59 4.03 1.96 2.50
N ASP A 60 2.88 1.30 2.47
CA ASP A 60 2.72 -0.13 2.90
C ASP A 60 2.63 -0.94 1.60
N THR A 61 3.55 -1.88 1.44
CA THR A 61 3.82 -2.50 0.16
C THR A 61 3.33 -3.95 0.06
N ALA A 62 3.36 -4.48 -1.15
CA ALA A 62 2.95 -5.85 -1.40
C ALA A 62 4.06 -6.83 -1.09
N GLY A 63 3.78 -7.78 -0.19
CA GLY A 63 4.59 -8.98 -0.07
C GLY A 63 4.48 -9.92 -1.27
N GLN A 64 3.31 -9.95 -1.94
CA GLN A 64 3.08 -10.93 -3.03
C GLN A 64 4.07 -10.73 -4.18
N GLU A 65 4.73 -11.80 -4.63
CA GLU A 65 5.76 -11.66 -5.66
C GLU A 65 5.23 -11.17 -7.01
N GLU A 66 3.95 -11.34 -7.31
CA GLU A 66 3.34 -10.82 -8.55
C GLU A 66 3.48 -9.30 -8.73
N TYR A 67 3.66 -8.55 -7.63
CA TYR A 67 3.91 -7.10 -7.67
C TYR A 67 5.38 -6.72 -7.50
N SER A 68 6.31 -7.67 -7.68
CA SER A 68 7.72 -7.36 -7.43
C SER A 68 8.32 -6.34 -8.42
N ALA A 69 7.72 -6.22 -9.59
CA ALA A 69 8.17 -5.21 -10.55
C ALA A 69 7.85 -3.74 -10.12
N MET A 70 7.04 -3.56 -9.10
CA MET A 70 6.74 -2.21 -8.57
C MET A 70 7.78 -1.74 -7.57
N ARG A 71 8.61 -2.66 -7.11
CA ARG A 71 9.59 -2.34 -6.07
C ARG A 71 10.54 -1.23 -6.40
N ASP A 72 11.09 -1.26 -7.62
CA ASP A 72 12.01 -0.25 -8.10
C ASP A 72 11.53 1.17 -7.78
N GLN A 73 10.26 1.45 -8.09
CA GLN A 73 9.65 2.74 -7.97
C GLN A 73 9.65 3.22 -6.51
N TYR A 74 9.18 2.39 -5.61
CA TYR A 74 9.16 2.82 -4.22
C TYR A 74 10.54 2.77 -3.56
N MET A 75 11.44 1.96 -4.07
CA MET A 75 12.82 2.02 -3.63
C MET A 75 13.51 3.35 -4.07
N ARG A 76 13.21 3.86 -5.26
CA ARG A 76 13.70 5.16 -5.67
C ARG A 76 13.19 6.27 -4.73
N THR A 77 11.92 6.21 -4.32
CA THR A 77 11.29 7.35 -3.62
C THR A 77 11.47 7.33 -2.10
N GLY A 78 11.57 6.16 -1.50
CA GLY A 78 11.68 6.06 -0.06
C GLY A 78 12.99 6.57 0.52
N GLU A 79 12.91 7.17 1.70
CA GLU A 79 14.08 7.64 2.46
C GLU A 79 14.52 6.61 3.47
N GLY A 80 13.58 5.81 3.94
CA GLY A 80 13.87 4.75 4.89
C GLY A 80 12.95 3.56 4.72
N PHE A 81 13.48 2.41 5.08
CA PHE A 81 12.82 1.14 4.87
C PHE A 81 12.71 0.41 6.20
N LEU A 82 11.48 0.02 6.53
CA LEU A 82 11.17 -0.83 7.66
C LEU A 82 11.12 -2.25 7.07
N CYS A 83 12.12 -3.06 7.42
CA CYS A 83 12.28 -4.38 6.87
C CYS A 83 11.74 -5.40 7.84
N VAL A 84 10.50 -5.84 7.57
CA VAL A 84 9.74 -6.67 8.49
C VAL A 84 9.75 -8.14 8.12
N PHE A 85 9.98 -8.98 9.12
CA PHE A 85 9.76 -10.42 9.02
C PHE A 85 8.92 -10.85 10.21
N ALA A 86 8.38 -12.06 10.14
CA ALA A 86 7.65 -12.58 11.25
C ALA A 86 8.52 -13.66 11.93
N ILE A 87 8.44 -13.73 13.27
CA ILE A 87 9.33 -14.57 14.04
C ILE A 87 9.02 -16.05 13.95
N ASN A 88 7.85 -16.40 13.38
CA ASN A 88 7.52 -17.78 13.05
C ASN A 88 7.52 -18.01 11.52
N ASN A 89 8.34 -17.26 10.80
CA ASN A 89 8.36 -17.36 9.35
C ASN A 89 9.81 -17.21 8.87
N THR A 90 10.51 -18.34 8.85
CA THR A 90 11.90 -18.45 8.42
C THR A 90 12.14 -17.83 7.05
N LYS A 91 11.28 -18.22 6.09
CA LYS A 91 11.42 -17.65 4.77
C LYS A 91 11.46 -16.11 4.79
N SER A 92 10.57 -15.49 5.59
CA SER A 92 10.44 -14.05 5.59
C SER A 92 11.68 -13.37 6.19
N PHE A 93 12.30 -13.98 7.18
CA PHE A 93 13.59 -13.53 7.69
C PHE A 93 14.64 -13.61 6.58
N GLU A 94 14.71 -14.75 5.93
CA GLU A 94 15.70 -14.93 4.87
C GLU A 94 15.50 -13.93 3.74
N ASP A 95 14.26 -13.56 3.48
CA ASP A 95 13.93 -12.57 2.46
C ASP A 95 14.39 -11.16 2.70
N ILE A 96 14.72 -10.82 3.94
CA ILE A 96 15.29 -9.50 4.20
C ILE A 96 16.52 -9.25 3.30
N HIS A 97 17.39 -10.25 3.15
CA HIS A 97 18.51 -10.19 2.21
C HIS A 97 18.13 -9.67 0.80
N HIS A 98 17.04 -10.19 0.23
CA HIS A 98 16.66 -9.82 -1.15
C HIS A 98 16.18 -8.36 -1.22
N TYR A 99 15.32 -8.00 -0.27
CA TYR A 99 14.91 -6.61 -0.08
C TYR A 99 16.12 -5.66 0.09
N ARG A 100 17.04 -6.02 0.99
CA ARG A 100 18.21 -5.18 1.22
C ARG A 100 19.06 -4.96 -0.04
N GLU A 101 19.37 -6.05 -0.74
CA GLU A 101 20.08 -5.99 -1.97
C GLU A 101 19.41 -5.13 -3.04
N GLN A 102 18.10 -5.23 -3.22
CA GLN A 102 17.45 -4.42 -4.20
C GLN A 102 17.51 -2.93 -3.82
N ILE A 103 17.31 -2.64 -2.54
CA ILE A 103 17.35 -1.27 -2.06
C ILE A 103 18.70 -0.61 -2.42
N LYS A 104 19.78 -1.29 -2.07
CA LYS A 104 21.14 -0.87 -2.35
C LYS A 104 21.44 -0.61 -3.83
N ARG A 105 20.95 -1.51 -4.67
CA ARG A 105 21.13 -1.38 -6.09
C ARG A 105 20.35 -0.17 -6.64
N VAL A 106 19.09 0.01 -6.22
CA VAL A 106 18.31 1.16 -6.67
C VAL A 106 18.86 2.52 -6.17
N LYS A 107 19.29 2.60 -4.92
CA LYS A 107 19.90 3.84 -4.43
C LYS A 107 21.41 3.95 -4.71
N ASP A 108 22.00 2.91 -5.28
CA ASP A 108 23.42 2.88 -5.55
C ASP A 108 24.20 3.24 -4.27
N SER A 109 23.91 2.53 -3.17
CA SER A 109 24.52 2.85 -1.90
C SER A 109 24.39 1.74 -0.86
N GLU A 110 25.40 1.63 -0.02
CA GLU A 110 25.44 0.67 1.04
C GLU A 110 24.88 1.26 2.32
N ASP A 111 24.63 2.57 2.36
CA ASP A 111 24.11 3.18 3.57
C ASP A 111 22.77 3.85 3.31
N VAL A 112 21.73 3.04 3.42
CA VAL A 112 20.39 3.51 3.27
C VAL A 112 19.72 3.33 4.63
N PRO A 113 18.97 4.34 5.09
CA PRO A 113 18.35 4.16 6.39
C PRO A 113 17.44 2.99 6.37
N MET A 114 17.62 2.13 7.37
CA MET A 114 16.90 0.88 7.43
C MET A 114 16.80 0.38 8.87
N VAL A 115 15.67 -0.25 9.19
CA VAL A 115 15.48 -0.92 10.47
C VAL A 115 14.93 -2.34 10.24
N LEU A 116 15.55 -3.33 10.87
CA LEU A 116 15.03 -4.68 10.92
C LEU A 116 13.91 -4.87 11.97
N VAL A 117 12.77 -5.39 11.55
CA VAL A 117 11.62 -5.53 12.47
C VAL A 117 11.22 -6.98 12.54
N GLY A 118 11.43 -7.57 13.71
CA GLY A 118 10.95 -8.89 14.00
C GLY A 118 9.54 -8.79 14.59
N ASN A 119 8.53 -8.95 13.73
CA ASN A 119 7.11 -8.89 14.15
C ASN A 119 6.49 -10.20 14.73
N LYS A 120 5.38 -10.01 15.44
CA LYS A 120 4.59 -11.07 16.07
C LYS A 120 5.26 -11.67 17.29
N CYS A 121 5.85 -10.82 18.12
N CYS A 121 5.87 -10.83 18.11
CA CYS A 121 6.58 -11.31 19.30
CA CYS A 121 6.59 -11.32 19.30
C CYS A 121 5.67 -11.72 20.44
C CYS A 121 5.67 -11.59 20.49
N ASP A 122 4.36 -11.51 20.28
CA ASP A 122 3.34 -12.03 21.21
C ASP A 122 3.17 -13.57 21.11
N LEU A 123 3.65 -14.18 20.02
CA LEU A 123 3.36 -15.58 19.72
C LEU A 123 4.20 -16.50 20.55
N PRO A 124 3.65 -17.69 20.88
CA PRO A 124 4.30 -18.54 21.88
C PRO A 124 5.60 -19.13 21.37
N SER A 125 5.54 -19.88 20.27
CA SER A 125 6.69 -20.56 19.76
C SER A 125 7.17 -19.66 18.65
N ARG A 126 8.43 -19.87 18.28
CA ARG A 126 9.09 -19.09 17.27
C ARG A 126 10.19 -19.97 16.67
N THR A 127 10.42 -19.75 15.39
CA THR A 127 11.39 -20.46 14.59
C THR A 127 12.64 -19.62 14.23
N VAL A 128 12.57 -18.31 14.38
CA VAL A 128 13.69 -17.41 14.09
C VAL A 128 14.18 -16.89 15.44
N ASP A 129 15.44 -17.21 15.79
CA ASP A 129 16.08 -16.78 17.07
C ASP A 129 16.30 -15.29 17.11
N THR A 130 16.01 -14.67 18.25
CA THR A 130 16.40 -13.27 18.55
C THR A 130 17.89 -13.01 18.26
N LYS A 131 18.76 -13.92 18.68
CA LYS A 131 20.21 -13.80 18.45
C LYS A 131 20.58 -13.74 16.98
N GLN A 132 19.85 -14.50 16.18
CA GLN A 132 20.07 -14.67 14.76
C GLN A 132 19.72 -13.36 14.09
N ALA A 133 18.64 -12.74 14.55
CA ALA A 133 18.21 -11.46 14.04
C ALA A 133 19.13 -10.33 14.49
N GLN A 134 19.50 -10.32 15.76
CA GLN A 134 20.47 -9.35 16.26
C GLN A 134 21.76 -9.41 15.46
N ASP A 135 22.21 -10.62 15.15
CA ASP A 135 23.41 -10.82 14.32
C ASP A 135 23.23 -10.28 12.92
N LEU A 136 22.06 -10.53 12.34
CA LEU A 136 21.78 -10.04 10.99
C LEU A 136 21.80 -8.53 10.92
N ALA A 137 21.20 -7.88 11.93
CA ALA A 137 21.19 -6.43 12.01
C ALA A 137 22.59 -5.83 12.27
N ARG A 138 23.40 -6.48 13.11
CA ARG A 138 24.79 -6.06 13.33
C ARG A 138 25.63 -6.20 12.01
N SER A 139 25.48 -7.30 11.28
CA SER A 139 26.06 -7.44 9.92
C SER A 139 25.70 -6.28 9.00
N TYR A 140 24.43 -5.90 8.98
CA TYR A 140 23.97 -4.82 8.15
C TYR A 140 24.23 -3.43 8.75
N GLY A 141 24.62 -3.35 10.01
CA GLY A 141 24.84 -2.08 10.71
C GLY A 141 23.58 -1.26 10.89
N ILE A 142 22.49 -1.92 11.27
CA ILE A 142 21.18 -1.26 11.42
C ILE A 142 20.56 -1.71 12.73
N PRO A 143 19.61 -0.90 13.27
CA PRO A 143 18.91 -1.35 14.48
C PRO A 143 17.90 -2.51 14.24
N PHE A 144 17.72 -3.28 15.31
CA PHE A 144 16.79 -4.37 15.38
C PHE A 144 15.75 -4.08 16.48
N ILE A 145 14.48 -4.16 16.10
CA ILE A 145 13.34 -3.98 17.04
C ILE A 145 12.32 -5.13 16.95
N GLU A 146 11.98 -5.65 18.13
CA GLU A 146 10.95 -6.65 18.25
C GLU A 146 9.58 -5.95 18.42
N THR A 147 8.62 -6.34 17.58
CA THR A 147 7.28 -5.76 17.59
C THR A 147 6.18 -6.80 17.69
N SER A 148 5.05 -6.35 18.18
CA SER A 148 3.79 -7.02 18.04
C SER A 148 2.71 -6.04 17.66
N ALA A 149 2.25 -6.13 16.42
CA ALA A 149 1.03 -5.42 15.97
C ALA A 149 -0.22 -5.78 16.76
N LYS A 150 -0.25 -6.97 17.36
CA LYS A 150 -1.37 -7.39 18.12
C LYS A 150 -1.46 -6.68 19.44
N THR A 151 -0.37 -6.66 20.21
CA THR A 151 -0.34 -5.97 21.52
C THR A 151 -0.01 -4.47 21.37
N ARG A 152 0.46 -4.06 20.20
CA ARG A 152 1.06 -2.75 19.97
C ARG A 152 2.53 -2.59 20.51
N GLN A 153 3.13 -3.62 21.11
CA GLN A 153 4.53 -3.54 21.57
C GLN A 153 5.48 -3.17 20.44
N GLY A 154 6.29 -2.15 20.73
CA GLY A 154 7.39 -1.75 19.90
C GLY A 154 6.97 -1.08 18.62
N VAL A 155 5.68 -0.74 18.48
CA VAL A 155 5.18 -0.16 17.21
C VAL A 155 5.72 1.25 16.92
N ASP A 156 5.47 2.19 17.84
CA ASP A 156 6.06 3.51 17.78
C ASP A 156 7.63 3.46 17.74
N ASP A 157 8.23 2.70 18.64
CA ASP A 157 9.66 2.47 18.64
C ASP A 157 10.18 2.18 17.24
N ALA A 158 9.51 1.30 16.47
CA ALA A 158 10.05 0.84 15.18
C ALA A 158 10.05 1.95 14.15
N PHE A 159 8.95 2.64 14.04
CA PHE A 159 8.81 3.71 13.06
C PHE A 159 9.66 4.91 13.44
N TYR A 160 9.68 5.19 14.75
CA TYR A 160 10.36 6.36 15.25
C TYR A 160 11.84 6.13 15.13
N THR A 161 12.27 4.88 15.32
CA THR A 161 13.67 4.53 15.15
C THR A 161 14.10 4.75 13.66
N LEU A 162 13.23 4.42 12.70
CA LEU A 162 13.57 4.56 11.30
C LEU A 162 13.74 6.05 11.00
N VAL A 163 12.87 6.86 11.59
CA VAL A 163 12.99 8.31 11.46
C VAL A 163 14.37 8.78 11.91
N ARG A 164 14.79 8.34 13.07
CA ARG A 164 16.11 8.75 13.60
C ARG A 164 17.23 8.31 12.69
N GLU A 165 17.06 7.18 12.03
CA GLU A 165 18.04 6.71 11.06
C GLU A 165 18.08 7.60 9.82
N ILE A 166 16.93 8.10 9.38
CA ILE A 166 16.91 9.01 8.26
C ILE A 166 17.73 10.27 8.62
N ARG A 167 17.52 10.82 9.81
CA ARG A 167 18.45 11.80 10.42
C ARG A 167 19.76 11.06 10.77
N GLY B 19 -22.12 11.19 12.92
CA GLY B 19 -22.26 9.97 13.78
C GLY B 19 -22.63 8.76 12.95
N ARG B 20 -23.92 8.64 12.64
CA ARG B 20 -24.45 7.58 11.77
C ARG B 20 -23.83 7.66 10.36
N HIS B 21 -23.95 8.82 9.70
CA HIS B 21 -23.46 9.06 8.33
C HIS B 21 -21.99 8.66 8.11
N MET B 22 -21.10 9.06 9.03
CA MET B 22 -19.73 8.58 9.01
C MET B 22 -19.71 7.05 9.11
N ASP B 23 -20.48 6.49 10.04
CA ASP B 23 -20.50 5.03 10.25
C ASP B 23 -21.07 4.23 9.06
N LEU B 24 -22.03 4.79 8.33
CA LEU B 24 -22.48 4.18 7.08
C LEU B 24 -21.33 4.15 6.04
N GLY B 25 -20.53 5.21 5.98
CA GLY B 25 -19.38 5.25 5.12
C GLY B 25 -18.42 4.09 5.33
N LYS B 26 -18.09 3.81 6.59
CA LYS B 26 -17.17 2.72 6.91
C LYS B 26 -17.76 1.35 6.52
N LYS B 27 -19.07 1.18 6.70
CA LYS B 27 -19.74 -0.06 6.30
C LYS B 27 -19.83 -0.17 4.79
N LEU B 28 -19.88 0.98 4.09
CA LEU B 28 -19.98 0.98 2.63
C LEU B 28 -18.65 0.56 2.05
N LEU B 29 -17.58 1.09 2.66
CA LEU B 29 -16.23 0.68 2.36
C LEU B 29 -16.06 -0.82 2.54
N GLU B 30 -16.53 -1.36 3.66
CA GLU B 30 -16.41 -2.80 3.93
C GLU B 30 -17.21 -3.63 2.92
N ALA B 31 -18.41 -3.17 2.61
CA ALA B 31 -19.31 -3.91 1.73
C ALA B 31 -18.78 -3.94 0.31
N ALA B 32 -18.15 -2.83 -0.09
CA ALA B 32 -17.51 -2.68 -1.42
C ALA B 32 -16.26 -3.56 -1.54
N ARG B 33 -15.48 -3.65 -0.47
CA ARG B 33 -14.29 -4.53 -0.40
C ARG B 33 -14.69 -6.01 -0.37
N ALA B 34 -15.60 -6.37 0.55
CA ALA B 34 -16.09 -7.75 0.71
C ALA B 34 -17.11 -8.14 -0.35
N GLY B 35 -17.41 -7.23 -1.28
CA GLY B 35 -18.22 -7.57 -2.43
C GLY B 35 -19.69 -7.86 -2.17
N GLN B 36 -20.27 -7.35 -1.08
CA GLN B 36 -21.71 -7.54 -0.83
C GLN B 36 -22.62 -6.54 -1.63
N ASP B 37 -22.78 -6.83 -2.91
CA ASP B 37 -23.58 -6.08 -3.91
C ASP B 37 -24.92 -5.43 -3.43
N ASP B 38 -25.66 -6.13 -2.57
CA ASP B 38 -26.95 -5.64 -2.08
C ASP B 38 -26.84 -4.82 -0.79
N GLU B 39 -25.85 -5.12 0.04
CA GLU B 39 -25.58 -4.35 1.24
C GLU B 39 -25.15 -2.94 0.83
N VAL B 40 -24.46 -2.84 -0.31
CA VAL B 40 -24.11 -1.55 -0.94
C VAL B 40 -25.35 -0.72 -1.28
N ARG B 41 -26.32 -1.35 -1.95
CA ARG B 41 -27.59 -0.72 -2.35
C ARG B 41 -28.34 -0.14 -1.16
N ILE B 42 -28.34 -0.87 -0.06
CA ILE B 42 -29.03 -0.44 1.16
C ILE B 42 -28.32 0.76 1.73
N LEU B 43 -27.01 0.62 1.98
CA LEU B 43 -26.25 1.66 2.65
C LEU B 43 -26.41 2.99 1.92
N MET B 44 -26.33 2.96 0.59
CA MET B 44 -26.58 4.16 -0.24
C MET B 44 -27.94 4.84 0.06
N ALA B 45 -29.01 4.03 0.13
CA ALA B 45 -30.37 4.51 0.37
C ALA B 45 -30.63 4.92 1.82
N ASN B 46 -29.76 4.51 2.75
CA ASN B 46 -29.72 5.10 4.11
C ASN B 46 -28.81 6.35 4.19
N GLY B 47 -28.44 6.92 3.04
CA GLY B 47 -27.72 8.19 3.00
C GLY B 47 -26.20 8.13 3.03
N ALA B 48 -25.63 6.93 2.97
CA ALA B 48 -24.16 6.78 3.02
C ALA B 48 -23.44 7.62 1.96
N ASP B 49 -22.23 8.02 2.28
CA ASP B 49 -21.45 8.82 1.36
C ASP B 49 -20.75 7.89 0.37
N VAL B 50 -21.05 8.09 -0.91
CA VAL B 50 -20.44 7.31 -1.98
C VAL B 50 -18.91 7.49 -2.08
N ASN B 51 -18.40 8.64 -1.65
CA ASN B 51 -16.97 8.90 -1.68
C ASN B 51 -16.30 8.89 -0.29
N ALA B 52 -16.85 8.09 0.65
CA ALA B 52 -16.18 7.82 1.93
C ALA B 52 -14.76 7.27 1.73
N ASN B 53 -13.84 7.76 2.56
CA ASN B 53 -12.42 7.44 2.50
C ASN B 53 -12.06 6.55 3.65
N ASP B 54 -11.30 5.47 3.38
CA ASP B 54 -10.56 4.76 4.47
C ASP B 54 -9.33 5.57 4.83
N SER B 55 -8.51 5.13 5.77
CA SER B 55 -7.32 5.89 6.17
C SER B 55 -6.22 5.90 5.13
N ALA B 56 -6.31 5.00 4.16
CA ALA B 56 -5.43 4.98 3.02
C ALA B 56 -5.99 5.84 1.86
N GLY B 57 -7.09 6.54 2.09
CA GLY B 57 -7.71 7.34 1.05
C GLY B 57 -8.53 6.59 0.01
N HIS B 58 -8.75 5.28 0.15
CA HIS B 58 -9.53 4.58 -0.87
C HIS B 58 -10.98 4.96 -0.71
N THR B 59 -11.65 5.17 -1.83
CA THR B 59 -13.13 5.19 -1.92
C THR B 59 -13.68 3.79 -2.15
N PRO B 60 -15.00 3.60 -2.00
CA PRO B 60 -15.63 2.33 -2.33
C PRO B 60 -15.36 1.88 -3.75
N LEU B 61 -15.30 2.83 -4.67
CA LEU B 61 -15.03 2.54 -6.07
C LEU B 61 -13.61 2.03 -6.26
N HIS B 62 -12.64 2.53 -5.49
CA HIS B 62 -11.26 1.99 -5.50
C HIS B 62 -11.28 0.55 -5.03
N LEU B 63 -11.97 0.28 -3.92
CA LEU B 63 -11.94 -1.10 -3.36
C LEU B 63 -12.66 -2.07 -4.28
N ALA B 64 -13.83 -1.69 -4.77
CA ALA B 64 -14.54 -2.50 -5.76
C ALA B 64 -13.77 -2.71 -7.08
N ALA B 65 -13.10 -1.69 -7.59
CA ALA B 65 -12.25 -1.83 -8.78
C ALA B 65 -11.05 -2.74 -8.49
N LYS B 66 -10.44 -2.56 -7.32
CA LYS B 66 -9.33 -3.40 -6.92
C LYS B 66 -9.74 -4.87 -6.86
N ARG B 67 -10.86 -5.12 -6.19
CA ARG B 67 -11.32 -6.49 -5.95
C ARG B 67 -11.90 -7.18 -7.21
N GLY B 68 -12.32 -6.39 -8.17
CA GLY B 68 -12.86 -6.89 -9.42
C GLY B 68 -14.37 -7.11 -9.41
N HIS B 69 -15.09 -6.40 -8.52
N HIS B 69 -15.09 -6.43 -8.51
CA HIS B 69 -16.54 -6.50 -8.39
CA HIS B 69 -16.54 -6.57 -8.47
C HIS B 69 -17.19 -5.51 -9.38
C HIS B 69 -17.20 -5.53 -9.38
N LEU B 70 -17.50 -5.99 -10.59
CA LEU B 70 -18.08 -5.17 -11.66
C LEU B 70 -19.44 -4.58 -11.30
N GLU B 71 -20.32 -5.42 -10.77
CA GLU B 71 -21.63 -4.96 -10.31
C GLU B 71 -21.52 -3.79 -9.35
N ILE B 72 -20.62 -3.89 -8.36
CA ILE B 72 -20.51 -2.85 -7.36
C ILE B 72 -19.95 -1.59 -8.01
N VAL B 73 -19.02 -1.74 -8.95
CA VAL B 73 -18.48 -0.59 -9.70
C VAL B 73 -19.59 0.13 -10.46
N GLU B 74 -20.39 -0.62 -11.22
CA GLU B 74 -21.55 -0.05 -11.93
C GLU B 74 -22.49 0.72 -10.97
N VAL B 75 -22.75 0.15 -9.79
CA VAL B 75 -23.73 0.68 -8.84
C VAL B 75 -23.25 1.98 -8.27
N LEU B 76 -21.98 2.02 -7.90
CA LEU B 76 -21.36 3.21 -7.32
C LEU B 76 -21.34 4.37 -8.31
N LEU B 77 -21.07 4.08 -9.57
CA LEU B 77 -21.10 5.08 -10.67
C LEU B 77 -22.50 5.61 -10.95
N LYS B 78 -23.49 4.72 -10.99
CA LYS B 78 -24.91 5.11 -11.05
C LYS B 78 -25.29 6.05 -9.88
N HIS B 79 -24.61 5.92 -8.74
CA HIS B 79 -24.84 6.75 -7.55
C HIS B 79 -23.91 7.95 -7.33
N GLY B 80 -23.27 8.44 -8.39
CA GLY B 80 -22.45 9.68 -8.31
C GLY B 80 -21.05 9.54 -7.72
N ALA B 81 -20.52 8.31 -7.68
CA ALA B 81 -19.12 8.09 -7.26
C ALA B 81 -18.15 8.85 -8.16
N ASP B 82 -17.16 9.44 -7.53
CA ASP B 82 -16.13 10.17 -8.25
C ASP B 82 -15.22 9.16 -8.95
N VAL B 83 -15.38 9.09 -10.26
CA VAL B 83 -14.61 8.19 -11.10
C VAL B 83 -13.09 8.46 -11.19
N ASN B 84 -12.64 9.67 -10.86
CA ASN B 84 -11.21 10.06 -10.81
C ASN B 84 -10.72 10.42 -9.41
N ALA B 85 -11.40 9.89 -8.40
CA ALA B 85 -10.95 10.08 -7.03
C ALA B 85 -9.55 9.48 -6.91
N MET B 86 -8.74 10.05 -6.04
CA MET B 86 -7.39 9.60 -5.87
C MET B 86 -7.24 9.26 -4.42
N ASP B 87 -6.59 8.13 -4.15
CA ASP B 87 -6.27 7.77 -2.78
C ASP B 87 -4.95 8.49 -2.37
N ASN B 88 -4.39 8.14 -1.22
CA ASN B 88 -3.22 8.85 -0.72
C ASN B 88 -1.93 8.55 -1.54
N THR B 89 -1.94 7.46 -2.29
CA THR B 89 -0.83 7.17 -3.15
C THR B 89 -0.95 7.87 -4.48
N GLY B 90 -2.13 8.41 -4.77
CA GLY B 90 -2.45 9.06 -6.04
C GLY B 90 -3.07 8.13 -7.08
N PHE B 91 -3.38 6.88 -6.68
CA PHE B 91 -4.12 5.97 -7.57
C PHE B 91 -5.56 6.36 -7.69
N THR B 92 -6.05 6.34 -8.91
CA THR B 92 -7.46 6.38 -9.24
C THR B 92 -7.95 4.96 -9.32
N PRO B 93 -9.27 4.76 -9.37
CA PRO B 93 -9.73 3.40 -9.60
C PRO B 93 -9.20 2.78 -10.87
N LEU B 94 -9.00 3.56 -11.93
CA LEU B 94 -8.45 3.02 -13.18
C LEU B 94 -7.02 2.48 -12.99
N HIS B 95 -6.20 3.08 -12.13
CA HIS B 95 -4.89 2.50 -11.79
C HIS B 95 -5.08 1.10 -11.18
N LEU B 96 -6.00 1.00 -10.23
CA LEU B 96 -6.21 -0.26 -9.54
C LEU B 96 -6.70 -1.36 -10.49
N ALA B 97 -7.74 -1.09 -11.27
CA ALA B 97 -8.25 -2.09 -12.21
C ALA B 97 -7.16 -2.54 -13.18
N ALA B 98 -6.33 -1.61 -13.64
CA ALA B 98 -5.28 -1.91 -14.62
C ALA B 98 -4.16 -2.80 -14.02
N LEU B 99 -3.65 -2.38 -12.85
CA LEU B 99 -2.68 -3.13 -12.04
C LEU B 99 -3.05 -4.59 -11.98
N ARG B 100 -4.31 -4.88 -11.76
CA ARG B 100 -4.68 -6.27 -11.75
C ARG B 100 -5.60 -6.79 -12.84
N GLY B 101 -5.50 -6.21 -14.02
CA GLY B 101 -6.00 -6.85 -15.22
C GLY B 101 -7.49 -7.07 -15.34
N HIS B 102 -8.28 -6.32 -14.57
CA HIS B 102 -9.73 -6.40 -14.62
C HIS B 102 -10.23 -5.63 -15.85
N LEU B 103 -10.46 -6.35 -16.94
CA LEU B 103 -10.68 -5.73 -18.22
C LEU B 103 -12.00 -4.97 -18.31
N GLU B 104 -13.10 -5.64 -18.00
CA GLU B 104 -14.43 -5.04 -18.13
C GLU B 104 -14.54 -3.83 -17.19
N ILE B 105 -13.83 -3.86 -16.07
CA ILE B 105 -13.78 -2.73 -15.16
C ILE B 105 -13.06 -1.55 -15.79
N VAL B 106 -11.88 -1.81 -16.35
CA VAL B 106 -11.17 -0.79 -17.09
C VAL B 106 -12.09 -0.17 -18.15
N GLU B 107 -12.81 -0.99 -18.91
CA GLU B 107 -13.75 -0.48 -19.93
C GLU B 107 -14.83 0.45 -19.35
N VAL B 108 -15.54 -0.03 -18.33
CA VAL B 108 -16.63 0.71 -17.70
C VAL B 108 -16.14 2.03 -17.09
N LEU B 109 -14.99 1.99 -16.41
CA LEU B 109 -14.42 3.19 -15.84
C LEU B 109 -14.17 4.27 -16.92
N LEU B 110 -13.65 3.82 -18.06
CA LEU B 110 -13.40 4.66 -19.22
C LEU B 110 -14.65 5.20 -19.88
N LYS B 111 -15.70 4.39 -19.97
CA LYS B 111 -16.98 4.87 -20.54
C LYS B 111 -17.66 5.88 -19.58
N ASN B 112 -17.28 5.88 -18.29
CA ASN B 112 -17.79 6.88 -17.33
C ASN B 112 -16.83 8.02 -17.04
N GLY B 113 -15.93 8.33 -17.99
CA GLY B 113 -15.12 9.56 -17.90
C GLY B 113 -13.82 9.50 -17.11
N ALA B 114 -13.35 8.29 -16.81
CA ALA B 114 -12.06 8.14 -16.17
C ALA B 114 -10.98 8.81 -17.02
N ASP B 115 -10.07 9.49 -16.36
CA ASP B 115 -8.95 10.12 -17.00
C ASP B 115 -7.87 9.05 -17.25
N VAL B 116 -7.67 8.78 -18.53
CA VAL B 116 -6.83 7.70 -19.00
C VAL B 116 -5.35 7.94 -18.70
N ASN B 117 -4.94 9.21 -18.58
CA ASN B 117 -3.57 9.60 -18.27
C ASN B 117 -3.39 10.20 -16.86
N ALA B 118 -4.26 9.85 -15.93
CA ALA B 118 -4.17 10.36 -14.54
C ALA B 118 -2.87 9.87 -13.93
N GLN B 119 -2.18 10.71 -13.16
CA GLN B 119 -0.89 10.36 -12.63
C GLN B 119 -1.01 10.14 -11.15
N ASP B 120 -0.33 9.09 -10.66
CA ASP B 120 -0.16 8.90 -9.24
C ASP B 120 0.88 9.87 -8.72
N ARG B 121 1.22 9.75 -7.46
CA ARG B 121 2.19 10.65 -6.86
C ARG B 121 3.62 10.55 -7.43
N THR B 122 3.94 9.45 -8.13
CA THR B 122 5.23 9.29 -8.81
C THR B 122 5.16 9.52 -10.29
N GLY B 123 4.00 9.92 -10.80
CA GLY B 123 3.81 10.18 -12.22
C GLY B 123 3.34 9.02 -13.08
N ARG B 124 3.04 7.86 -12.48
CA ARG B 124 2.66 6.66 -13.26
C ARG B 124 1.23 6.79 -13.71
N THR B 125 0.96 6.59 -14.99
CA THR B 125 -0.39 6.42 -15.51
C THR B 125 -0.89 4.98 -15.28
N PRO B 126 -2.17 4.74 -15.55
CA PRO B 126 -2.62 3.32 -15.66
C PRO B 126 -1.83 2.45 -16.64
N LEU B 127 -1.43 3.03 -17.78
CA LEU B 127 -0.63 2.33 -18.78
C LEU B 127 0.69 1.88 -18.18
N HIS B 128 1.35 2.76 -17.40
CA HIS B 128 2.61 2.38 -16.72
C HIS B 128 2.43 1.06 -15.96
N LEU B 129 1.32 0.95 -15.20
CA LEU B 129 1.11 -0.18 -14.28
C LEU B 129 0.71 -1.46 -15.00
N ALA B 130 -0.21 -1.32 -15.95
CA ALA B 130 -0.57 -2.40 -16.85
C ALA B 130 0.65 -3.01 -17.60
N ALA B 131 1.50 -2.16 -18.17
CA ALA B 131 2.71 -2.62 -18.84
C ALA B 131 3.71 -3.24 -17.86
N LYS B 132 3.87 -2.63 -16.70
CA LYS B 132 4.74 -3.17 -15.63
C LYS B 132 4.34 -4.58 -15.22
N LEU B 133 3.04 -4.83 -15.06
CA LEU B 133 2.56 -6.16 -14.65
C LEU B 133 2.16 -7.06 -15.79
N GLY B 134 2.48 -6.68 -17.02
CA GLY B 134 2.24 -7.53 -18.18
C GLY B 134 0.80 -7.69 -18.63
N HIS B 135 -0.09 -6.78 -18.25
CA HIS B 135 -1.50 -6.93 -18.60
C HIS B 135 -1.74 -6.33 -19.99
N LEU B 136 -1.38 -7.14 -20.99
CA LEU B 136 -1.40 -6.76 -22.42
C LEU B 136 -2.77 -6.34 -22.98
N GLU B 137 -3.84 -7.08 -22.66
CA GLU B 137 -5.21 -6.69 -23.02
C GLU B 137 -5.61 -5.32 -22.44
N ILE B 138 -5.10 -4.99 -21.26
CA ILE B 138 -5.37 -3.68 -20.67
C ILE B 138 -4.60 -2.58 -21.39
N VAL B 139 -3.36 -2.90 -21.79
CA VAL B 139 -2.52 -1.95 -22.53
C VAL B 139 -3.22 -1.53 -23.84
N GLU B 140 -3.83 -2.49 -24.53
CA GLU B 140 -4.48 -2.26 -25.82
C GLU B 140 -5.70 -1.40 -25.63
N VAL B 141 -6.51 -1.73 -24.62
CA VAL B 141 -7.73 -0.97 -24.35
C VAL B 141 -7.41 0.45 -23.92
N LEU B 142 -6.34 0.62 -23.15
CA LEU B 142 -5.87 1.94 -22.73
C LEU B 142 -5.44 2.79 -23.93
N LEU B 143 -4.70 2.21 -24.87
CA LEU B 143 -4.26 2.94 -26.06
C LEU B 143 -5.43 3.31 -26.97
N LYS B 144 -6.43 2.42 -27.09
CA LYS B 144 -7.66 2.72 -27.83
C LYS B 144 -8.42 3.90 -27.22
N ASN B 145 -8.28 4.07 -25.91
CA ASN B 145 -8.90 5.21 -25.21
C ASN B 145 -7.98 6.41 -24.97
N GLY B 146 -7.03 6.63 -25.86
CA GLY B 146 -6.25 7.88 -25.83
C GLY B 146 -5.16 7.95 -24.79
N ALA B 147 -4.74 6.81 -24.24
CA ALA B 147 -3.56 6.79 -23.35
C ALA B 147 -2.32 7.16 -24.16
N ASP B 148 -1.50 8.03 -23.58
CA ASP B 148 -0.27 8.53 -24.21
C ASP B 148 0.92 7.59 -23.97
N VAL B 149 1.48 7.13 -25.08
CA VAL B 149 2.51 6.09 -25.09
C VAL B 149 3.81 6.67 -24.58
N ASN B 150 4.02 7.98 -24.81
CA ASN B 150 5.24 8.64 -24.40
C ASN B 150 5.12 9.31 -23.04
N ALA B 151 4.01 9.13 -22.30
CA ALA B 151 3.88 9.71 -20.96
C ALA B 151 5.05 9.27 -20.10
N GLN B 152 5.59 10.20 -19.33
CA GLN B 152 6.73 9.96 -18.47
C GLN B 152 6.26 10.08 -17.05
N ASP B 153 6.80 9.25 -16.20
CA ASP B 153 6.65 9.44 -14.79
C ASP B 153 7.68 10.48 -14.35
N LYS B 154 7.73 10.73 -13.06
CA LYS B 154 8.57 11.77 -12.50
C LYS B 154 10.05 11.49 -12.47
N PHE B 155 10.45 10.27 -12.88
CA PHE B 155 11.83 9.87 -13.11
C PHE B 155 12.19 9.92 -14.61
N GLY B 156 11.26 10.39 -15.45
CA GLY B 156 11.49 10.46 -16.88
C GLY B 156 11.19 9.18 -17.64
N LYS B 157 10.63 8.19 -16.94
CA LYS B 157 10.49 6.85 -17.49
C LYS B 157 9.10 6.65 -18.09
N THR B 158 9.12 6.10 -19.27
CA THR B 158 7.92 5.85 -20.05
C THR B 158 7.38 4.47 -19.62
N ALA B 159 6.19 4.08 -20.07
CA ALA B 159 5.61 2.74 -19.80
C ALA B 159 6.42 1.53 -20.37
N PHE B 160 7.02 1.74 -21.53
CA PHE B 160 7.70 0.75 -22.41
C PHE B 160 6.65 -0.09 -23.16
MG MG C . -0.43 -5.80 3.84
PG GSP D . 0.72 -8.45 2.56
O3B GSP D . 0.86 -9.06 4.08
S1G GSP D . 0.04 -9.85 1.35
O2G GSP D . -0.29 -7.21 2.48
O3G GSP D . 2.17 -7.99 2.03
PB GSP D . 1.14 -8.18 5.42
O1B GSP D . 2.60 -8.26 5.81
O2B GSP D . 0.53 -6.83 5.21
PA GSP D . -0.88 -8.48 7.46
O1A GSP D . -0.56 -7.25 8.26
O2A GSP D . -2.07 -8.47 6.54
O3A GSP D . 0.42 -8.98 6.63
O5' GSP D . -1.07 -9.65 8.55
C5' GSP D . -1.42 -10.98 8.15
C4' GSP D . -2.03 -11.74 9.33
O4' GSP D . -1.12 -11.81 10.44
C3' GSP D . -3.28 -11.07 9.84
O3' GSP D . -4.16 -12.08 10.28
C2' GSP D . -2.82 -10.31 11.04
O2' GSP D . -3.82 -10.14 12.04
C1' GSP D . -1.72 -11.21 11.59
N9 GSP D . -0.75 -10.45 12.38
C8 GSP D . -0.13 -9.30 11.98
N7 GSP D . 0.70 -8.85 12.95
C5 GSP D . 0.61 -9.72 13.96
C6 GSP D . 1.24 -9.84 15.28
O6 GSP D . 2.07 -9.00 15.67
N1 GSP D . 0.90 -10.87 16.04
C2 GSP D . 0.01 -11.80 15.66
N2 GSP D . -0.26 -12.81 16.50
N3 GSP D . -0.61 -11.77 14.46
C4 GSP D . -0.34 -10.77 13.59
S SO4 E . 4.82 -21.87 14.54
O1 SO4 E . 5.11 -20.98 15.71
O2 SO4 E . 6.01 -22.74 14.36
O3 SO4 E . 3.63 -22.72 14.78
O4 SO4 E . 4.49 -21.06 13.33
S SO4 F . 4.84 13.84 -3.44
O1 SO4 F . 4.89 15.25 -2.95
O2 SO4 F . 5.56 13.02 -2.45
O3 SO4 F . 3.43 13.40 -3.62
O4 SO4 F . 5.53 13.86 -4.75
#